data_8UM3
#
_entry.id   8UM3
#
_cell.length_a   53.644
_cell.length_b   69.588
_cell.length_c   57.552
_cell.angle_alpha   90.00
_cell.angle_beta   92.19
_cell.angle_gamma   90.00
#
_symmetry.space_group_name_H-M   'P 1 21 1'
#
loop_
_entity.id
_entity.type
_entity.pdbx_description
1 polymer 'Zika virus NS3 helicase domain'
2 non-polymer 1,2-ETHANEDIOL
3 non-polymer 'PHOSPHATE ION'
4 non-polymer (4S)-2-METHYL-2,4-PENTANEDIOL
5 non-polymer 6-chlorotetrazolo[1,5-b]pyridazine
6 water water
#
_entity_poly.entity_id   1
_entity_poly.type   'polypeptide(L)'
_entity_poly.pdbx_seq_one_letter_code
;MLKKKQLTVLDLHPGAGKTRRVLPEIVREAIKKRLRTVILAPTRVVAAEMEEALRGLPVRYMTTAVNVTHSGTEIVDLMC
HATFTSRLLQPIRVPNYNLNIMDEAHFTDPSSIAARGYISTRVEMGEAAAIFMTATPPGTRDAFPDSNSPIMDTEVEVPE
RAWSSGFDWVTDHSGKTVWFVPSVRNGNEIAACLTKAGKRVIQLSRKTFETEFQKTKNQEWDFVITTDISEMGANFKADR
VIDSRRCLKPVILDGERVILAGPMPVTHASAAQRRGRIGRNPNKPGDEYMYGGGCAETDEGHAHWLEARMLLDNIYLQDG
LIASLYRPEADKVAAIEGEFKLRTEQRKTFVELMKRGDLPVWLAYQVASAGITYTDRRWCFDGTTNNTIMEDSVPAEVWT
KYGEKRVLKPRWMDARVCSDHAALKSFKEFAAGKR
;
_entity_poly.pdbx_strand_id   A
#
# COMPACT_ATOMS: atom_id res chain seq x y z
N MET A 1 -17.27 -19.42 -9.82
CA MET A 1 -16.10 -18.57 -10.07
C MET A 1 -14.79 -19.36 -10.16
N LEU A 2 -14.78 -20.61 -9.70
CA LEU A 2 -13.56 -21.40 -9.56
C LEU A 2 -13.07 -22.08 -10.84
N LYS A 3 -13.90 -22.09 -11.91
CA LYS A 3 -13.54 -22.67 -13.21
C LYS A 3 -12.34 -21.95 -13.80
N LYS A 4 -11.41 -22.70 -14.40
CA LYS A 4 -10.22 -22.14 -15.05
C LYS A 4 -10.59 -21.07 -16.11
N LYS A 5 -9.63 -20.25 -16.52
CA LYS A 5 -9.83 -19.19 -17.51
C LYS A 5 -10.67 -18.00 -17.05
N GLN A 6 -11.25 -17.98 -15.81
CA GLN A 6 -12.05 -16.80 -15.47
C GLN A 6 -11.55 -15.99 -14.24
N LEU A 7 -11.73 -14.68 -14.38
CA LEU A 7 -11.40 -13.72 -13.36
C LEU A 7 -12.68 -13.08 -12.95
N THR A 8 -13.03 -13.21 -11.68
CA THR A 8 -14.25 -12.64 -11.16
C THR A 8 -13.91 -11.44 -10.25
N VAL A 9 -14.67 -10.35 -10.35
CA VAL A 9 -14.46 -9.20 -9.49
C VAL A 9 -15.61 -9.24 -8.50
N LEU A 10 -15.32 -9.46 -7.22
CA LEU A 10 -16.35 -9.51 -6.19
C LEU A 10 -16.38 -8.10 -5.60
N ASP A 11 -17.32 -7.28 -6.11
CA ASP A 11 -17.44 -5.89 -5.76
C ASP A 11 -18.62 -5.57 -4.83
N LEU A 12 -18.82 -6.36 -3.78
CA LEU A 12 -19.86 -6.04 -2.79
C LEU A 12 -19.42 -4.74 -2.05
N HIS A 13 -20.37 -3.88 -1.67
CA HIS A 13 -20.09 -2.64 -0.95
C HIS A 13 -19.24 -2.85 0.31
N PRO A 14 -18.55 -1.81 0.83
CA PRO A 14 -17.74 -2.02 2.05
C PRO A 14 -18.57 -2.53 3.23
N GLY A 15 -18.07 -3.55 3.93
CA GLY A 15 -18.77 -4.13 5.07
C GLY A 15 -19.85 -5.13 4.71
N ALA A 16 -19.96 -5.52 3.42
CA ALA A 16 -20.97 -6.51 3.01
C ALA A 16 -20.64 -7.95 3.42
N GLY A 17 -19.42 -8.19 3.90
CA GLY A 17 -19.00 -9.51 4.34
C GLY A 17 -18.16 -10.30 3.36
N LYS A 18 -17.41 -9.60 2.49
CA LYS A 18 -16.54 -10.29 1.53
C LYS A 18 -15.51 -11.17 2.23
N THR A 19 -14.81 -10.62 3.23
CA THR A 19 -13.78 -11.33 3.99
C THR A 19 -14.28 -12.40 5.00
N ARG A 20 -15.22 -12.03 5.88
CA ARG A 20 -15.66 -12.97 6.92
C ARG A 20 -16.74 -13.96 6.51
N ARG A 21 -17.48 -13.67 5.43
CA ARG A 21 -18.54 -14.58 4.99
C ARG A 21 -18.28 -15.23 3.63
N VAL A 22 -17.95 -14.44 2.60
CA VAL A 22 -17.73 -14.99 1.27
C VAL A 22 -16.41 -15.79 1.16
N LEU A 23 -15.29 -15.23 1.65
CA LEU A 23 -13.99 -15.90 1.58
C LEU A 23 -13.99 -17.34 2.17
N PRO A 24 -14.55 -17.65 3.36
CA PRO A 24 -14.56 -19.04 3.84
C PRO A 24 -15.33 -20.02 2.94
N GLU A 25 -16.44 -19.58 2.35
CA GLU A 25 -17.23 -20.41 1.44
C GLU A 25 -16.41 -20.74 0.17
N ILE A 26 -15.70 -19.73 -0.38
CA ILE A 26 -14.85 -19.92 -1.57
C ILE A 26 -13.76 -20.93 -1.25
N VAL A 27 -13.12 -20.77 -0.09
CA VAL A 27 -12.05 -21.66 0.35
C VAL A 27 -12.51 -23.10 0.51
N ARG A 28 -13.68 -23.30 1.11
CA ARG A 28 -14.24 -24.65 1.28
C ARG A 28 -14.50 -25.27 -0.09
N GLU A 29 -15.07 -24.50 -1.03
CA GLU A 29 -15.33 -25.03 -2.37
C GLU A 29 -14.04 -25.40 -3.10
N ALA A 30 -12.96 -24.61 -2.91
CA ALA A 30 -11.66 -24.83 -3.54
C ALA A 30 -10.96 -26.09 -3.03
N ILE A 31 -11.03 -26.31 -1.71
CA ILE A 31 -10.48 -27.49 -1.04
C ILE A 31 -11.28 -28.75 -1.49
N LYS A 32 -12.61 -28.64 -1.67
CA LYS A 32 -13.46 -29.73 -2.18
C LYS A 32 -13.05 -30.15 -3.58
N LYS A 33 -12.64 -29.17 -4.42
CA LYS A 33 -12.23 -29.40 -5.80
C LYS A 33 -10.76 -29.63 -5.99
N ARG A 34 -9.97 -29.67 -4.90
CA ARG A 34 -8.52 -29.86 -4.90
C ARG A 34 -7.79 -28.84 -5.76
N LEU A 35 -8.13 -27.57 -5.57
CA LEU A 35 -7.46 -26.50 -6.29
C LEU A 35 -6.36 -25.99 -5.38
N ARG A 36 -5.13 -25.94 -5.90
CA ARG A 36 -4.01 -25.36 -5.15
C ARG A 36 -4.31 -23.84 -5.15
N THR A 37 -4.51 -23.26 -3.96
CA THR A 37 -5.04 -21.89 -3.85
C THR A 37 -4.15 -20.94 -3.08
N VAL A 38 -4.10 -19.67 -3.52
CA VAL A 38 -3.38 -18.65 -2.78
C VAL A 38 -4.40 -17.60 -2.40
N ILE A 39 -4.29 -17.10 -1.16
CA ILE A 39 -5.11 -16.03 -0.61
C ILE A 39 -4.13 -14.88 -0.28
N LEU A 40 -4.30 -13.74 -0.93
CA LEU A 40 -3.44 -12.57 -0.78
C LEU A 40 -4.05 -11.45 0.06
N ALA A 41 -3.47 -11.17 1.24
CA ALA A 41 -3.89 -10.13 2.20
C ALA A 41 -3.05 -8.86 1.97
N PRO A 42 -3.61 -7.65 2.04
CA PRO A 42 -2.80 -6.45 1.77
C PRO A 42 -1.73 -6.21 2.84
N THR A 43 -2.05 -6.55 4.11
CA THR A 43 -1.17 -6.33 5.25
C THR A 43 -1.17 -7.55 6.22
N ARG A 44 -0.24 -7.56 7.19
CA ARG A 44 -0.21 -8.61 8.20
C ARG A 44 -1.43 -8.50 9.12
N VAL A 45 -2.00 -7.29 9.30
CA VAL A 45 -3.19 -7.07 10.13
C VAL A 45 -4.41 -7.74 9.49
N VAL A 46 -4.52 -7.65 8.16
CA VAL A 46 -5.63 -8.31 7.47
C VAL A 46 -5.44 -9.84 7.53
N ALA A 47 -4.20 -10.32 7.39
CA ALA A 47 -3.89 -11.75 7.48
C ALA A 47 -4.37 -12.35 8.82
N ALA A 48 -4.24 -11.60 9.93
CA ALA A 48 -4.71 -12.07 11.25
C ALA A 48 -6.23 -12.13 11.31
N GLU A 49 -6.94 -11.15 10.72
CA GLU A 49 -8.40 -11.17 10.69
C GLU A 49 -8.93 -12.30 9.81
N MET A 50 -8.19 -12.64 8.75
CA MET A 50 -8.48 -13.75 7.86
C MET A 50 -8.35 -15.07 8.60
N GLU A 51 -7.32 -15.21 9.47
CA GLU A 51 -7.16 -16.44 10.25
C GLU A 51 -8.37 -16.69 11.16
N GLU A 52 -8.96 -15.63 11.74
CA GLU A 52 -10.15 -15.77 12.58
C GLU A 52 -11.33 -16.28 11.76
N ALA A 53 -11.52 -15.75 10.54
CA ALA A 53 -12.61 -16.14 9.65
C ALA A 53 -12.41 -17.51 9.04
N LEU A 54 -11.15 -17.94 8.87
CA LEU A 54 -10.85 -19.24 8.26
C LEU A 54 -10.50 -20.33 9.26
N ARG A 55 -10.69 -20.09 10.56
CA ARG A 55 -10.39 -21.08 11.61
C ARG A 55 -11.18 -22.38 11.37
N GLY A 56 -10.52 -23.50 11.52
CA GLY A 56 -11.13 -24.80 11.24
C GLY A 56 -10.90 -25.32 9.83
N LEU A 57 -10.32 -24.48 8.95
CA LEU A 57 -10.02 -24.83 7.57
C LEU A 57 -8.51 -25.00 7.43
N PRO A 58 -8.08 -25.97 6.62
CA PRO A 58 -6.64 -26.19 6.46
C PRO A 58 -5.96 -25.12 5.59
N VAL A 59 -5.40 -24.08 6.24
CA VAL A 59 -4.70 -23.01 5.55
C VAL A 59 -3.28 -22.87 6.07
N ARG A 60 -2.30 -22.74 5.16
CA ARG A 60 -0.90 -22.57 5.47
C ARG A 60 -0.61 -21.06 5.50
N TYR A 61 -0.35 -20.54 6.68
CA TYR A 61 -0.12 -19.12 6.88
C TYR A 61 1.34 -18.82 6.69
N MET A 62 1.70 -18.28 5.53
CA MET A 62 3.08 -17.92 5.21
C MET A 62 3.33 -16.47 5.60
N THR A 63 3.23 -16.20 6.90
CA THR A 63 3.40 -14.88 7.52
C THR A 63 3.70 -15.07 9.02
N THR A 64 4.58 -14.24 9.62
CA THR A 64 4.82 -14.33 11.08
C THR A 64 3.74 -13.59 11.90
N ALA A 65 2.70 -13.06 11.24
CA ALA A 65 1.58 -12.39 11.94
C ALA A 65 0.69 -13.42 12.65
N VAL A 66 0.66 -14.67 12.13
CA VAL A 66 -0.14 -15.76 12.67
C VAL A 66 0.76 -16.77 13.40
N ASN A 67 0.31 -17.28 14.55
CA ASN A 67 1.08 -18.28 15.29
C ASN A 67 0.30 -19.59 15.26
N VAL A 68 0.44 -20.32 14.15
CA VAL A 68 -0.25 -21.60 14.01
C VAL A 68 0.72 -22.72 13.61
N THR A 69 0.55 -23.88 14.21
CA THR A 69 1.36 -25.04 13.88
C THR A 69 0.68 -25.74 12.70
N HIS A 70 1.31 -25.70 11.51
CA HIS A 70 0.74 -26.31 10.31
C HIS A 70 0.79 -27.84 10.30
N SER A 71 -0.21 -28.46 9.68
CA SER A 71 -0.27 -29.91 9.58
C SER A 71 0.61 -30.48 8.44
N GLY A 72 0.85 -29.68 7.41
CA GLY A 72 1.60 -30.12 6.25
C GLY A 72 0.71 -30.63 5.13
N THR A 73 -0.60 -30.84 5.41
CA THR A 73 -1.60 -31.32 4.45
C THR A 73 -2.44 -30.16 3.83
N GLU A 74 -1.93 -28.93 3.88
CA GLU A 74 -2.68 -27.80 3.34
C GLU A 74 -2.43 -27.61 1.86
N ILE A 75 -3.48 -27.32 1.08
CA ILE A 75 -3.31 -26.94 -0.32
C ILE A 75 -3.73 -25.44 -0.56
N VAL A 76 -3.98 -24.68 0.52
CA VAL A 76 -4.34 -23.28 0.45
C VAL A 76 -3.27 -22.50 1.22
N ASP A 77 -2.61 -21.56 0.54
CA ASP A 77 -1.57 -20.72 1.16
C ASP A 77 -2.10 -19.32 1.37
N LEU A 78 -1.68 -18.65 2.44
CA LEU A 78 -2.12 -17.30 2.72
C LEU A 78 -0.89 -16.45 2.95
N MET A 79 -0.77 -15.33 2.23
CA MET A 79 0.38 -14.44 2.40
C MET A 79 -0.01 -13.00 2.00
N CYS A 80 0.84 -12.02 2.29
CA CYS A 80 0.53 -10.64 1.90
C CYS A 80 0.83 -10.39 0.42
N HIS A 81 0.24 -9.34 -0.19
CA HIS A 81 0.48 -9.05 -1.61
C HIS A 81 1.99 -8.91 -1.92
N ALA A 82 2.74 -8.21 -1.06
CA ALA A 82 4.18 -7.96 -1.25
C ALA A 82 5.03 -9.23 -1.19
N THR A 83 4.70 -10.19 -0.30
CA THR A 83 5.43 -11.48 -0.22
C THR A 83 5.22 -12.28 -1.49
N PHE A 84 3.98 -12.28 -2.03
CA PHE A 84 3.72 -12.99 -3.28
C PHE A 84 4.61 -12.48 -4.42
N THR A 85 4.66 -11.15 -4.61
CA THR A 85 5.48 -10.55 -5.67
C THR A 85 6.96 -10.73 -5.42
N SER A 86 7.40 -10.60 -4.16
CA SER A 86 8.80 -10.77 -3.79
C SER A 86 9.28 -12.20 -4.09
N ARG A 87 8.45 -13.19 -3.73
CA ARG A 87 8.81 -14.60 -4.01
C ARG A 87 8.88 -14.87 -5.52
N LEU A 88 8.00 -14.23 -6.33
CA LEU A 88 8.04 -14.38 -7.79
C LEU A 88 9.38 -13.84 -8.33
N LEU A 89 9.83 -12.70 -7.80
CA LEU A 89 11.10 -12.06 -8.18
C LEU A 89 12.34 -12.88 -7.80
N GLN A 90 12.35 -13.42 -6.58
CA GLN A 90 13.46 -14.20 -6.02
C GLN A 90 13.66 -15.56 -6.71
N PRO A 91 14.87 -16.16 -6.60
CA PRO A 91 15.10 -17.47 -7.24
C PRO A 91 14.54 -18.64 -6.42
N ILE A 92 13.25 -18.59 -6.14
CA ILE A 92 12.49 -19.60 -5.43
C ILE A 92 11.26 -19.87 -6.25
N ARG A 93 10.96 -21.14 -6.51
CA ARG A 93 9.81 -21.52 -7.29
C ARG A 93 8.54 -21.34 -6.48
N VAL A 94 7.62 -20.60 -7.05
CA VAL A 94 6.32 -20.37 -6.44
C VAL A 94 5.40 -21.35 -7.17
N PRO A 95 4.55 -22.12 -6.46
CA PRO A 95 3.65 -23.04 -7.16
C PRO A 95 2.75 -22.30 -8.17
N ASN A 96 2.30 -22.99 -9.23
CA ASN A 96 1.42 -22.35 -10.19
C ASN A 96 0.00 -22.54 -9.69
N TYR A 97 -0.47 -21.66 -8.78
CA TYR A 97 -1.80 -21.75 -8.18
C TYR A 97 -2.94 -21.83 -9.16
N ASN A 98 -3.85 -22.81 -8.98
CA ASN A 98 -5.02 -22.96 -9.85
C ASN A 98 -6.09 -21.89 -9.58
N LEU A 99 -6.11 -21.37 -8.33
CA LEU A 99 -7.04 -20.36 -7.88
C LEU A 99 -6.28 -19.28 -7.13
N ASN A 100 -6.45 -18.03 -7.53
CA ASN A 100 -5.77 -16.90 -6.91
C ASN A 100 -6.81 -15.90 -6.35
N ILE A 101 -6.84 -15.70 -5.03
CA ILE A 101 -7.80 -14.79 -4.43
C ILE A 101 -7.06 -13.63 -3.86
N MET A 102 -7.37 -12.43 -4.33
CA MET A 102 -6.74 -11.24 -3.77
C MET A 102 -7.77 -10.45 -2.96
N ASP A 103 -7.55 -10.29 -1.65
CA ASP A 103 -8.42 -9.43 -0.85
C ASP A 103 -7.88 -7.99 -0.87
N GLU A 104 -8.78 -6.98 -0.74
CA GLU A 104 -8.49 -5.53 -0.84
C GLU A 104 -7.72 -5.28 -2.12
N ALA A 105 -8.28 -5.81 -3.22
CA ALA A 105 -7.66 -5.79 -4.54
C ALA A 105 -7.53 -4.39 -5.17
N HIS A 106 -7.96 -3.35 -4.47
CA HIS A 106 -7.81 -1.98 -4.92
C HIS A 106 -6.42 -1.38 -4.52
N PHE A 107 -5.64 -2.07 -3.66
CA PHE A 107 -4.35 -1.60 -3.15
C PHE A 107 -3.43 -1.14 -4.30
N THR A 108 -2.99 0.14 -4.26
CA THR A 108 -2.20 0.73 -5.34
C THR A 108 -0.69 0.71 -5.13
N ASP A 109 -0.18 -0.01 -4.11
CA ASP A 109 1.26 -0.15 -3.95
C ASP A 109 1.84 -0.96 -5.13
N PRO A 110 3.05 -0.63 -5.60
CA PRO A 110 3.61 -1.31 -6.78
C PRO A 110 3.54 -2.84 -6.75
N SER A 111 3.80 -3.45 -5.59
CA SER A 111 3.75 -4.93 -5.50
C SER A 111 2.32 -5.50 -5.68
N SER A 112 1.28 -4.74 -5.27
CA SER A 112 -0.11 -5.22 -5.47
C SER A 112 -0.51 -5.09 -6.95
N ILE A 113 -0.08 -4.00 -7.61
CA ILE A 113 -0.33 -3.80 -9.03
C ILE A 113 0.36 -4.90 -9.82
N ALA A 114 1.63 -5.25 -9.44
CA ALA A 114 2.37 -6.30 -10.12
C ALA A 114 1.69 -7.66 -9.95
N ALA A 115 1.27 -8.01 -8.69
CA ALA A 115 0.54 -9.23 -8.42
C ALA A 115 -0.73 -9.32 -9.28
N ARG A 116 -1.53 -8.23 -9.42
CA ARG A 116 -2.74 -8.30 -10.27
C ARG A 116 -2.41 -8.51 -11.73
N GLY A 117 -1.31 -7.92 -12.19
CA GLY A 117 -0.91 -8.05 -13.58
C GLY A 117 -0.48 -9.47 -13.91
N TYR A 118 0.31 -10.06 -13.02
CA TYR A 118 0.75 -11.45 -13.15
C TYR A 118 -0.42 -12.43 -13.11
N ILE A 119 -1.32 -12.32 -12.12
CA ILE A 119 -2.45 -13.23 -11.98
C ILE A 119 -3.42 -13.09 -13.20
N SER A 120 -3.81 -11.85 -13.55
CA SER A 120 -4.72 -11.65 -14.67
C SER A 120 -4.12 -12.14 -15.99
N THR A 121 -2.79 -12.08 -16.14
CA THR A 121 -2.14 -12.58 -17.34
C THR A 121 -2.25 -14.12 -17.38
N ARG A 122 -1.96 -14.79 -16.24
CA ARG A 122 -2.11 -16.25 -16.15
C ARG A 122 -3.54 -16.67 -16.47
N VAL A 123 -4.53 -15.87 -16.03
CA VAL A 123 -5.94 -16.16 -16.32
C VAL A 123 -6.22 -16.00 -17.83
N GLU A 124 -5.76 -14.89 -18.46
CA GLU A 124 -5.91 -14.62 -19.89
C GLU A 124 -5.29 -15.79 -20.70
N MET A 125 -4.14 -16.30 -20.25
CA MET A 125 -3.48 -17.45 -20.88
C MET A 125 -4.27 -18.77 -20.80
N GLY A 126 -5.26 -18.83 -19.93
CA GLY A 126 -6.08 -20.02 -19.72
C GLY A 126 -5.53 -21.00 -18.69
N GLU A 127 -4.61 -20.56 -17.83
CA GLU A 127 -3.97 -21.45 -16.88
C GLU A 127 -4.56 -21.45 -15.47
N ALA A 128 -5.23 -20.37 -15.09
CA ALA A 128 -5.69 -20.22 -13.71
C ALA A 128 -7.03 -19.49 -13.59
N ALA A 129 -7.64 -19.52 -12.41
CA ALA A 129 -8.82 -18.71 -12.11
C ALA A 129 -8.38 -17.67 -11.05
N ALA A 130 -9.12 -16.57 -10.96
CA ALA A 130 -8.83 -15.55 -9.98
C ALA A 130 -10.09 -14.87 -9.50
N ILE A 131 -10.05 -14.40 -8.27
CA ILE A 131 -11.11 -13.64 -7.67
C ILE A 131 -10.45 -12.40 -7.05
N PHE A 132 -10.86 -11.21 -7.51
CA PHE A 132 -10.35 -9.95 -6.97
C PHE A 132 -11.45 -9.43 -6.07
N MET A 133 -11.19 -9.29 -4.76
CA MET A 133 -12.19 -8.83 -3.82
C MET A 133 -11.97 -7.37 -3.42
N THR A 134 -12.86 -6.48 -3.88
CA THR A 134 -12.86 -5.06 -3.51
C THR A 134 -14.20 -4.39 -3.81
N ALA A 135 -14.63 -3.51 -2.92
CA ALA A 135 -15.81 -2.68 -3.17
C ALA A 135 -15.53 -1.66 -4.28
N THR A 136 -14.25 -1.27 -4.49
CA THR A 136 -13.86 -0.23 -5.44
C THR A 136 -12.87 -0.71 -6.48
N PRO A 137 -13.35 -1.44 -7.50
CA PRO A 137 -12.42 -1.93 -8.55
C PRO A 137 -11.77 -0.80 -9.36
N PRO A 138 -10.63 -1.04 -10.02
CA PRO A 138 -9.97 0.03 -10.80
C PRO A 138 -10.89 0.73 -11.79
N GLY A 139 -10.91 2.05 -11.77
CA GLY A 139 -11.78 2.82 -12.65
C GLY A 139 -13.13 3.19 -12.08
N THR A 140 -13.37 2.87 -10.80
CA THR A 140 -14.65 3.24 -10.16
C THR A 140 -14.74 4.76 -10.06
N ARG A 141 -15.91 5.28 -10.39
CA ARG A 141 -16.18 6.71 -10.36
C ARG A 141 -17.15 7.08 -9.24
N ASP A 142 -17.54 6.14 -8.38
CA ASP A 142 -18.50 6.40 -7.33
C ASP A 142 -17.82 6.47 -5.98
N ALA A 143 -17.70 7.68 -5.43
CA ALA A 143 -17.12 7.85 -4.10
C ALA A 143 -18.17 7.68 -3.00
N PHE A 144 -19.46 7.50 -3.32
CA PHE A 144 -20.50 7.30 -2.30
C PHE A 144 -21.22 5.95 -2.46
N PRO A 145 -20.54 4.79 -2.34
CA PRO A 145 -21.24 3.51 -2.52
C PRO A 145 -22.17 3.17 -1.36
N ASP A 146 -22.90 2.06 -1.47
CA ASP A 146 -23.81 1.60 -0.44
C ASP A 146 -23.08 1.25 0.88
N SER A 147 -23.79 1.22 1.98
CA SER A 147 -23.24 0.87 3.27
C SER A 147 -24.25 0.07 4.12
N ASN A 148 -23.80 -0.53 5.23
CA ASN A 148 -24.70 -1.32 6.10
C ASN A 148 -25.72 -0.45 6.78
N SER A 149 -25.37 0.79 7.10
CA SER A 149 -26.31 1.73 7.67
C SER A 149 -26.09 3.15 7.07
N PRO A 150 -27.14 3.98 7.07
CA PRO A 150 -27.04 5.32 6.47
C PRO A 150 -25.91 6.19 7.00
N ILE A 151 -25.26 6.93 6.10
CA ILE A 151 -24.15 7.83 6.44
C ILE A 151 -24.56 9.28 6.16
N MET A 152 -24.18 10.23 7.04
CA MET A 152 -24.41 11.66 6.82
C MET A 152 -23.18 12.17 6.06
N ASP A 153 -23.31 12.46 4.77
CA ASP A 153 -22.20 12.96 3.97
C ASP A 153 -22.21 14.49 3.97
N THR A 154 -21.16 15.15 4.50
CA THR A 154 -21.12 16.61 4.51
C THR A 154 -19.87 17.17 3.86
N GLU A 155 -20.02 17.97 2.79
CA GLU A 155 -18.87 18.63 2.19
C GLU A 155 -18.55 19.82 3.10
N VAL A 156 -17.34 19.89 3.64
CA VAL A 156 -16.98 20.97 4.55
C VAL A 156 -15.48 21.29 4.44
N GLU A 157 -15.05 22.50 4.89
CA GLU A 157 -13.62 22.85 4.87
C GLU A 157 -12.93 22.08 6.00
N VAL A 158 -11.91 21.30 5.68
CA VAL A 158 -11.18 20.50 6.68
C VAL A 158 -9.80 21.11 6.89
N PRO A 159 -9.42 21.38 8.15
CA PRO A 159 -8.09 21.95 8.39
C PRO A 159 -6.99 20.98 8.00
N GLU A 160 -5.94 21.50 7.36
CA GLU A 160 -4.76 20.71 7.00
C GLU A 160 -3.50 21.21 7.75
N ARG A 161 -3.68 22.16 8.69
CA ARG A 161 -2.64 22.73 9.55
C ARG A 161 -3.25 22.91 10.92
N ALA A 162 -2.44 23.28 11.96
CA ALA A 162 -2.96 23.59 13.28
C ALA A 162 -3.90 24.80 13.17
N TRP A 163 -4.95 24.84 13.99
CA TRP A 163 -5.92 25.92 13.96
C TRP A 163 -6.24 26.42 15.33
N SER A 164 -6.63 27.68 15.42
CA SER A 164 -7.02 28.29 16.69
C SER A 164 -8.52 28.61 16.73
N SER A 165 -9.18 28.69 15.56
CA SER A 165 -10.59 29.03 15.49
C SER A 165 -11.18 28.66 14.12
N GLY A 166 -12.50 28.64 14.03
CA GLY A 166 -13.17 28.38 12.76
C GLY A 166 -13.52 26.95 12.45
N PHE A 167 -13.09 25.99 13.31
CA PHE A 167 -13.36 24.57 13.08
C PHE A 167 -13.93 23.90 14.34
N ASP A 168 -14.88 24.58 15.05
CA ASP A 168 -15.44 24.06 16.30
C ASP A 168 -16.04 22.64 16.15
N TRP A 169 -16.66 22.36 15.00
CA TRP A 169 -17.27 21.05 14.73
C TRP A 169 -16.30 19.89 14.92
N VAL A 170 -15.00 20.13 14.68
CA VAL A 170 -13.97 19.10 14.82
C VAL A 170 -13.81 18.64 16.27
N THR A 171 -13.59 19.58 17.20
CA THR A 171 -13.35 19.23 18.60
C THR A 171 -14.63 19.12 19.45
N ASP A 172 -15.76 19.69 19.00
CA ASP A 172 -17.01 19.60 19.75
C ASP A 172 -17.73 18.24 19.66
N HIS A 173 -17.12 17.25 19.03
CA HIS A 173 -17.68 15.92 18.84
C HIS A 173 -17.31 15.02 20.03
N SER A 174 -18.24 14.20 20.50
CA SER A 174 -18.00 13.34 21.66
C SER A 174 -17.71 11.86 21.32
N GLY A 175 -17.63 11.52 20.05
CA GLY A 175 -17.37 10.14 19.63
C GLY A 175 -15.93 9.89 19.26
N LYS A 176 -15.72 8.92 18.37
CA LYS A 176 -14.39 8.59 17.90
C LYS A 176 -14.28 8.95 16.42
N THR A 177 -13.16 9.57 16.02
CA THR A 177 -13.01 9.99 14.64
C THR A 177 -11.80 9.38 13.96
N VAL A 178 -11.95 8.94 12.70
CA VAL A 178 -10.81 8.51 11.91
C VAL A 178 -10.56 9.64 10.89
N TRP A 179 -9.37 10.24 10.90
CA TRP A 179 -9.06 11.38 10.03
C TRP A 179 -7.93 10.98 9.09
N PHE A 180 -8.19 11.04 7.79
CA PHE A 180 -7.23 10.74 6.73
C PHE A 180 -6.49 12.00 6.27
N VAL A 181 -5.17 11.98 6.41
CA VAL A 181 -4.29 13.07 6.02
C VAL A 181 -3.43 12.68 4.79
N PRO A 182 -2.94 13.65 4.01
CA PRO A 182 -2.09 13.29 2.84
C PRO A 182 -0.68 12.75 3.15
N SER A 183 -0.14 13.01 4.36
CA SER A 183 1.22 12.57 4.69
C SER A 183 1.48 12.49 6.19
N VAL A 184 2.51 11.72 6.58
CA VAL A 184 2.97 11.58 7.96
C VAL A 184 3.23 12.96 8.60
N ARG A 185 4.00 13.84 7.94
CA ARG A 185 4.29 15.19 8.44
C ARG A 185 3.03 16.03 8.65
N ASN A 186 2.03 15.90 7.75
CA ASN A 186 0.76 16.64 7.92
CA ASN A 186 0.76 16.62 7.89
C ASN A 186 0.01 16.09 9.13
N GLY A 187 0.00 14.77 9.29
CA GLY A 187 -0.65 14.15 10.44
C GLY A 187 -0.04 14.60 11.76
N ASN A 188 1.29 14.75 11.82
CA ASN A 188 2.00 15.17 13.04
C ASN A 188 1.49 16.53 13.55
N GLU A 189 1.32 17.50 12.65
CA GLU A 189 0.85 18.84 13.00
C GLU A 189 -0.60 18.84 13.53
N ILE A 190 -1.49 18.11 12.84
CA ILE A 190 -2.88 18.00 13.27
C ILE A 190 -2.98 17.23 14.62
N ALA A 191 -2.25 16.12 14.78
CA ALA A 191 -2.24 15.36 16.04
C ALA A 191 -1.76 16.23 17.19
N ALA A 192 -0.71 17.05 16.96
CA ALA A 192 -0.19 17.96 18.00
C ALA A 192 -1.21 19.02 18.41
N CYS A 193 -1.98 19.54 17.44
CA CYS A 193 -3.03 20.52 17.70
C CYS A 193 -4.15 19.89 18.53
N LEU A 194 -4.58 18.67 18.16
CA LEU A 194 -5.63 17.91 18.88
C LEU A 194 -5.15 17.49 20.29
N THR A 195 -3.88 17.16 20.44
CA THR A 195 -3.33 16.78 21.75
C THR A 195 -3.29 18.00 22.68
N LYS A 196 -2.92 19.17 22.15
CA LYS A 196 -2.93 20.42 22.93
C LYS A 196 -4.37 20.75 23.38
N ALA A 197 -5.38 20.43 22.54
CA ALA A 197 -6.79 20.64 22.92
C ALA A 197 -7.35 19.59 23.88
N GLY A 198 -6.52 18.65 24.36
CA GLY A 198 -6.94 17.64 25.31
C GLY A 198 -7.46 16.35 24.71
N LYS A 199 -7.19 16.10 23.40
CA LYS A 199 -7.66 14.85 22.77
C LYS A 199 -6.63 13.73 22.83
N ARG A 200 -7.08 12.48 22.86
CA ARG A 200 -6.25 11.29 22.85
C ARG A 200 -6.12 10.85 21.41
N VAL A 201 -4.90 10.98 20.86
CA VAL A 201 -4.64 10.75 19.45
C VAL A 201 -3.68 9.59 19.18
N ILE A 202 -4.06 8.70 18.26
CA ILE A 202 -3.18 7.62 17.81
C ILE A 202 -2.85 7.97 16.34
N GLN A 203 -1.59 7.83 15.91
CA GLN A 203 -1.21 8.09 14.52
C GLN A 203 -0.80 6.80 13.82
N LEU A 204 -1.29 6.58 12.58
CA LEU A 204 -1.00 5.38 11.82
C LEU A 204 -0.36 5.75 10.49
N SER A 205 0.65 4.98 10.10
CA SER A 205 1.31 5.14 8.81
C SER A 205 1.82 3.78 8.36
N ARG A 206 2.31 3.64 7.11
CA ARG A 206 2.80 2.34 6.62
C ARG A 206 3.81 1.66 7.54
N LYS A 207 4.87 2.36 7.96
CA LYS A 207 5.92 1.78 8.79
C LYS A 207 5.50 1.45 10.22
N THR A 208 4.57 2.22 10.80
CA THR A 208 4.16 1.99 12.20
C THR A 208 2.82 1.24 12.37
N PHE A 209 2.13 0.95 11.26
CA PHE A 209 0.79 0.37 11.26
C PHE A 209 0.56 -0.83 12.20
N GLU A 210 1.21 -1.99 11.99
CA GLU A 210 0.99 -3.18 12.82
C GLU A 210 1.07 -2.92 14.32
N THR A 211 2.08 -2.17 14.75
CA THR A 211 2.30 -1.80 16.14
C THR A 211 1.26 -0.81 16.69
N GLU A 212 1.02 0.30 15.97
CA GLU A 212 0.11 1.34 16.46
C GLU A 212 -1.37 1.00 16.30
N PHE A 213 -1.72 0.13 15.34
CA PHE A 213 -3.11 -0.29 15.13
C PHE A 213 -3.64 -1.07 16.34
N GLN A 214 -2.76 -1.83 17.01
CA GLN A 214 -3.13 -2.56 18.23
C GLN A 214 -3.62 -1.62 19.31
N LYS A 215 -3.08 -0.38 19.36
CA LYS A 215 -3.49 0.65 20.29
C LYS A 215 -4.94 1.06 20.11
N THR A 216 -5.49 0.93 18.90
CA THR A 216 -6.91 1.24 18.66
C THR A 216 -7.83 0.27 19.38
N LYS A 217 -7.36 -0.96 19.66
CA LYS A 217 -8.09 -2.00 20.38
C LYS A 217 -7.72 -1.99 21.88
N ASN A 218 -6.44 -1.76 22.19
CA ASN A 218 -5.94 -1.81 23.57
C ASN A 218 -6.20 -0.57 24.46
N GLN A 219 -6.46 0.61 23.86
CA GLN A 219 -6.66 1.81 24.69
C GLN A 219 -7.75 2.75 24.19
N GLU A 220 -8.26 3.62 25.08
CA GLU A 220 -9.27 4.61 24.73
C GLU A 220 -8.64 5.73 23.91
N TRP A 221 -9.34 6.15 22.87
CA TRP A 221 -8.87 7.20 21.98
C TRP A 221 -10.02 8.03 21.49
N ASP A 222 -9.72 9.26 21.09
CA ASP A 222 -10.68 10.21 20.55
C ASP A 222 -10.47 10.32 19.04
N PHE A 223 -9.20 10.38 18.59
CA PHE A 223 -8.93 10.50 17.16
C PHE A 223 -7.85 9.52 16.74
N VAL A 224 -7.99 8.99 15.54
CA VAL A 224 -6.97 8.22 14.85
C VAL A 224 -6.58 9.12 13.63
N ILE A 225 -5.31 9.45 13.48
CA ILE A 225 -4.81 10.27 12.39
C ILE A 225 -4.05 9.31 11.48
N THR A 226 -4.52 9.09 10.23
CA THR A 226 -3.92 8.08 9.38
C THR A 226 -3.66 8.52 7.95
N THR A 227 -2.61 7.94 7.33
CA THR A 227 -2.37 8.15 5.93
C THR A 227 -3.37 7.19 5.18
N ASP A 228 -3.24 7.06 3.87
CA ASP A 228 -4.08 6.19 3.04
C ASP A 228 -3.95 4.69 3.37
N ILE A 229 -2.94 4.25 4.14
CA ILE A 229 -2.81 2.82 4.49
C ILE A 229 -4.09 2.24 5.13
N SER A 230 -4.85 3.07 5.88
CA SER A 230 -6.10 2.58 6.50
C SER A 230 -7.26 2.37 5.51
N GLU A 231 -7.05 2.63 4.22
CA GLU A 231 -8.06 2.30 3.18
C GLU A 231 -8.02 0.78 2.86
N MET A 232 -7.01 0.03 3.36
CA MET A 232 -6.88 -1.39 3.07
C MET A 232 -7.35 -2.34 4.17
N GLY A 233 -8.65 -2.34 4.44
CA GLY A 233 -9.22 -3.29 5.40
C GLY A 233 -9.14 -2.98 6.87
N ALA A 234 -8.54 -1.82 7.25
CA ALA A 234 -8.43 -1.42 8.66
C ALA A 234 -9.82 -1.11 9.22
N ASN A 235 -10.25 -1.85 10.25
CA ASN A 235 -11.55 -1.67 10.86
C ASN A 235 -11.42 -0.90 12.17
N PHE A 236 -12.36 0.03 12.40
CA PHE A 236 -12.38 0.85 13.60
C PHE A 236 -13.79 0.84 14.18
N LYS A 237 -13.91 1.11 15.48
CA LYS A 237 -15.21 1.22 16.14
C LYS A 237 -15.42 2.73 16.26
N ALA A 238 -15.67 3.39 15.13
CA ALA A 238 -15.76 4.86 15.11
C ALA A 238 -17.12 5.32 14.58
N ASP A 239 -17.49 6.60 14.81
CA ASP A 239 -18.74 7.11 14.29
C ASP A 239 -18.55 8.30 13.32
N ARG A 240 -17.31 8.69 13.02
CA ARG A 240 -17.08 9.78 12.08
C ARG A 240 -15.77 9.58 11.32
N VAL A 241 -15.76 9.99 10.04
CA VAL A 241 -14.54 10.02 9.25
C VAL A 241 -14.39 11.47 8.80
N ILE A 242 -13.24 12.07 9.09
CA ILE A 242 -12.91 13.38 8.57
C ILE A 242 -11.92 13.05 7.42
N ASP A 243 -12.17 13.52 6.20
CA ASP A 243 -11.33 13.17 5.07
C ASP A 243 -10.87 14.44 4.38
N SER A 244 -9.57 14.71 4.42
CA SER A 244 -9.02 15.85 3.70
C SER A 244 -9.25 15.71 2.17
N ARG A 245 -9.46 14.45 1.68
CA ARG A 245 -9.63 14.11 0.27
C ARG A 245 -8.35 14.39 -0.52
N ARG A 246 -7.18 14.38 0.15
CA ARG A 246 -5.92 14.68 -0.51
C ARG A 246 -4.90 13.60 -0.24
N CYS A 247 -3.94 13.51 -1.14
CA CYS A 247 -2.89 12.50 -1.09
C CYS A 247 -1.64 13.09 -1.76
N LEU A 248 -0.48 12.47 -1.54
CA LEU A 248 0.73 12.83 -2.26
C LEU A 248 0.85 11.89 -3.46
N LYS A 249 1.45 12.40 -4.55
CA LYS A 249 1.60 11.61 -5.76
C LYS A 249 3.06 11.54 -6.15
N PRO A 250 3.71 10.35 -6.10
CA PRO A 250 5.10 10.27 -6.57
C PRO A 250 5.08 10.44 -8.09
N VAL A 251 5.90 11.37 -8.60
CA VAL A 251 5.95 11.66 -10.03
C VAL A 251 7.39 11.58 -10.53
N ILE A 252 7.64 10.87 -11.62
CA ILE A 252 8.97 10.80 -12.22
C ILE A 252 9.14 11.98 -13.22
N LEU A 253 10.09 12.89 -12.93
CA LEU A 253 10.34 14.04 -13.80
C LEU A 253 11.51 13.79 -14.71
N ASP A 254 11.34 13.96 -16.03
CA ASP A 254 12.39 13.80 -17.04
C ASP A 254 13.11 12.45 -17.00
N GLY A 255 12.45 11.43 -16.44
CA GLY A 255 13.03 10.11 -16.28
C GLY A 255 14.27 10.07 -15.40
N GLU A 256 14.53 11.14 -14.63
CA GLU A 256 15.76 11.23 -13.82
C GLU A 256 15.59 11.50 -12.31
N ARG A 257 14.39 11.80 -11.83
CA ARG A 257 14.17 12.02 -10.40
C ARG A 257 12.72 11.79 -10.02
N VAL A 258 12.43 11.54 -8.74
CA VAL A 258 11.06 11.32 -8.27
C VAL A 258 10.74 12.39 -7.23
N ILE A 259 9.65 13.15 -7.45
CA ILE A 259 9.19 14.14 -6.50
C ILE A 259 7.86 13.67 -5.88
N LEU A 260 7.51 14.19 -4.70
CA LEU A 260 6.24 13.85 -4.06
C LEU A 260 5.35 15.08 -4.26
N ALA A 261 4.59 15.09 -5.37
CA ALA A 261 3.75 16.19 -5.79
C ALA A 261 2.47 16.24 -5.02
N GLY A 262 1.95 17.43 -4.83
CA GLY A 262 0.69 17.62 -4.13
C GLY A 262 0.87 18.36 -2.82
N PRO A 263 -0.01 18.15 -1.82
CA PRO A 263 -1.19 17.26 -1.82
C PRO A 263 -2.14 17.57 -2.96
N MET A 264 -2.75 16.54 -3.50
CA MET A 264 -3.70 16.68 -4.58
C MET A 264 -4.89 15.75 -4.36
N PRO A 265 -6.02 15.90 -5.11
CA PRO A 265 -7.18 15.05 -4.85
C PRO A 265 -6.94 13.53 -4.94
N VAL A 266 -7.66 12.78 -4.11
CA VAL A 266 -7.60 11.34 -4.15
C VAL A 266 -8.51 10.83 -5.29
N THR A 267 -8.41 9.55 -5.66
CA THR A 267 -9.29 8.96 -6.64
C THR A 267 -10.64 8.70 -5.96
N HIS A 268 -11.67 8.34 -6.75
CA HIS A 268 -13.00 7.99 -6.25
C HIS A 268 -12.92 6.74 -5.37
N ALA A 269 -12.07 5.76 -5.76
CA ALA A 269 -11.86 4.51 -5.03
C ALA A 269 -11.29 4.79 -3.62
N SER A 270 -10.30 5.68 -3.52
CA SER A 270 -9.73 6.04 -2.22
C SER A 270 -10.76 6.73 -1.35
N ALA A 271 -11.51 7.70 -1.88
CA ALA A 271 -12.57 8.41 -1.13
C ALA A 271 -13.65 7.45 -0.65
N ALA A 272 -14.08 6.52 -1.50
CA ALA A 272 -15.11 5.54 -1.14
C ALA A 272 -14.56 4.62 -0.05
N GLN A 273 -13.26 4.26 -0.10
CA GLN A 273 -12.65 3.40 0.93
C GLN A 273 -12.44 4.12 2.27
N ARG A 274 -12.12 5.41 2.22
CA ARG A 274 -11.91 6.23 3.42
C ARG A 274 -13.28 6.40 4.10
N ARG A 275 -14.31 6.75 3.31
CA ARG A 275 -15.68 6.86 3.82
C ARG A 275 -16.16 5.51 4.35
N GLY A 276 -15.76 4.42 3.69
CA GLY A 276 -16.11 3.05 4.02
C GLY A 276 -15.73 2.58 5.41
N ARG A 277 -14.90 3.36 6.14
CA ARG A 277 -14.54 2.98 7.50
C ARG A 277 -15.76 3.07 8.43
N ILE A 278 -16.78 3.91 8.09
CA ILE A 278 -17.96 4.08 8.94
C ILE A 278 -19.26 3.64 8.20
N GLY A 279 -20.41 3.68 8.87
CA GLY A 279 -21.66 3.18 8.32
C GLY A 279 -21.66 1.65 8.21
N ARG A 280 -20.76 0.97 8.93
CA ARG A 280 -20.56 -0.48 8.90
C ARG A 280 -21.47 -1.27 9.85
N ASN A 281 -22.00 -0.62 10.90
CA ASN A 281 -22.86 -1.26 11.89
C ASN A 281 -24.33 -0.95 11.56
N PRO A 282 -25.11 -1.94 11.07
CA PRO A 282 -26.52 -1.66 10.74
C PRO A 282 -27.36 -1.15 11.91
N ASN A 283 -26.94 -1.42 13.15
CA ASN A 283 -27.64 -0.94 14.32
C ASN A 283 -27.24 0.49 14.72
N LYS A 284 -26.27 1.13 14.03
CA LYS A 284 -25.86 2.50 14.38
C LYS A 284 -25.93 3.41 13.16
N PRO A 285 -27.15 3.84 12.80
CA PRO A 285 -27.28 4.76 11.65
C PRO A 285 -26.79 6.16 12.01
N GLY A 286 -26.41 6.93 11.00
CA GLY A 286 -25.99 8.30 11.22
C GLY A 286 -24.52 8.54 11.51
N ASP A 287 -23.63 7.61 11.10
CA ASP A 287 -22.19 7.87 11.22
C ASP A 287 -21.88 9.01 10.23
N GLU A 288 -20.95 9.90 10.58
CA GLU A 288 -20.66 11.04 9.73
C GLU A 288 -19.44 10.89 8.85
N TYR A 289 -19.48 11.51 7.68
CA TYR A 289 -18.35 11.57 6.74
C TYR A 289 -18.18 13.02 6.29
N MET A 290 -17.17 13.70 6.81
CA MET A 290 -16.88 15.10 6.48
C MET A 290 -15.77 15.12 5.46
N TYR A 291 -15.98 15.68 4.28
CA TYR A 291 -14.94 15.66 3.24
C TYR A 291 -14.58 17.07 2.78
N GLY A 292 -13.27 17.33 2.64
CA GLY A 292 -12.77 18.67 2.35
C GLY A 292 -12.23 18.92 0.96
N GLY A 293 -12.77 18.21 -0.02
CA GLY A 293 -12.35 18.42 -1.41
C GLY A 293 -13.00 17.43 -2.35
N GLY A 294 -12.73 17.60 -3.64
CA GLY A 294 -13.29 16.69 -4.64
C GLY A 294 -12.33 15.56 -5.02
N CYS A 295 -12.77 14.68 -5.92
CA CYS A 295 -11.97 13.56 -6.42
C CYS A 295 -11.48 13.84 -7.82
N ALA A 296 -10.34 13.26 -8.17
CA ALA A 296 -9.74 13.34 -9.49
C ALA A 296 -9.00 12.02 -9.81
N GLU A 297 -8.74 11.75 -11.10
CA GLU A 297 -8.02 10.52 -11.45
CA GLU A 297 -8.02 10.56 -11.57
C GLU A 297 -6.50 10.77 -11.35
N THR A 298 -6.04 10.99 -10.11
CA THR A 298 -4.63 11.27 -9.82
C THR A 298 -3.74 10.02 -9.94
N ASP A 299 -4.31 8.84 -10.24
CA ASP A 299 -3.50 7.66 -10.51
C ASP A 299 -2.87 7.71 -11.91
N GLU A 300 -3.28 8.65 -12.78
CA GLU A 300 -2.70 8.77 -14.12
C GLU A 300 -1.34 9.41 -14.01
N GLY A 301 -0.30 8.73 -14.47
CA GLY A 301 1.05 9.26 -14.39
C GLY A 301 1.69 9.13 -13.01
N HIS A 302 1.06 8.38 -12.10
CA HIS A 302 1.54 8.14 -10.74
C HIS A 302 2.65 7.09 -10.89
N ALA A 303 3.80 7.29 -10.24
CA ALA A 303 4.97 6.39 -10.37
C ALA A 303 4.73 4.95 -9.98
N HIS A 304 3.72 4.64 -9.11
CA HIS A 304 3.48 3.26 -8.69
C HIS A 304 3.21 2.33 -9.85
N TRP A 305 2.57 2.84 -10.92
CA TRP A 305 2.23 2.00 -12.08
C TRP A 305 3.44 1.71 -12.97
N LEU A 306 4.35 2.68 -13.06
CA LEU A 306 5.61 2.55 -13.79
C LEU A 306 6.48 1.54 -12.97
N GLU A 307 6.53 1.72 -11.65
CA GLU A 307 7.24 0.78 -10.76
C GLU A 307 6.72 -0.66 -10.87
N ALA A 308 5.41 -0.84 -11.04
CA ALA A 308 4.82 -2.18 -11.21
C ALA A 308 5.29 -2.82 -12.53
N ARG A 309 5.48 -2.00 -13.56
CA ARG A 309 6.03 -2.47 -14.85
C ARG A 309 7.49 -2.88 -14.67
N MET A 310 8.25 -2.21 -13.78
CA MET A 310 9.65 -2.58 -13.53
C MET A 310 9.68 -3.97 -12.83
N LEU A 311 8.75 -4.23 -11.91
CA LEU A 311 8.67 -5.51 -11.21
C LEU A 311 8.22 -6.62 -12.20
N LEU A 312 7.16 -6.37 -12.97
CA LEU A 312 6.64 -7.34 -13.92
C LEU A 312 7.61 -7.71 -15.02
N ASP A 313 8.43 -6.75 -15.48
CA ASP A 313 9.46 -7.04 -16.50
C ASP A 313 10.55 -7.99 -16.02
N ASN A 314 10.69 -8.14 -14.69
CA ASN A 314 11.73 -8.98 -14.11
C ASN A 314 11.20 -10.26 -13.44
N ILE A 315 9.97 -10.65 -13.76
CA ILE A 315 9.36 -11.85 -13.24
C ILE A 315 9.23 -12.82 -14.42
N TYR A 316 9.76 -14.02 -14.28
CA TYR A 316 9.65 -15.02 -15.33
C TYR A 316 8.20 -15.48 -15.41
N LEU A 317 7.69 -15.67 -16.63
CA LEU A 317 6.32 -16.10 -16.83
C LEU A 317 6.33 -17.34 -17.75
N GLN A 318 6.97 -17.23 -18.92
CA GLN A 318 7.10 -18.29 -19.93
C GLN A 318 8.08 -17.76 -20.96
N ASP A 319 9.22 -18.43 -21.15
CA ASP A 319 10.30 -18.05 -22.07
C ASP A 319 10.61 -16.50 -22.00
N GLY A 320 10.33 -15.74 -23.06
CA GLY A 320 10.55 -14.30 -23.05
C GLY A 320 9.30 -13.47 -22.87
N LEU A 321 8.12 -14.12 -22.67
CA LEU A 321 6.85 -13.42 -22.47
C LEU A 321 6.88 -12.64 -21.16
N ILE A 322 6.22 -11.49 -21.16
CA ILE A 322 6.17 -10.63 -19.99
C ILE A 322 4.72 -10.32 -19.63
N ALA A 323 4.38 -10.38 -18.33
CA ALA A 323 3.03 -10.14 -17.86
C ALA A 323 2.63 -8.70 -18.06
N SER A 324 1.40 -8.49 -18.52
CA SER A 324 0.84 -7.18 -18.72
C SER A 324 0.17 -6.73 -17.44
N LEU A 325 -0.08 -5.42 -17.28
CA LEU A 325 -0.86 -4.95 -16.14
C LEU A 325 -2.31 -5.42 -16.31
N TYR A 326 -3.07 -5.51 -15.22
CA TYR A 326 -4.50 -5.83 -15.25
C TYR A 326 -5.19 -4.76 -16.16
N ARG A 327 -5.88 -5.19 -17.23
CA ARG A 327 -6.44 -4.30 -18.24
C ARG A 327 -7.09 -2.98 -17.70
N PRO A 328 -8.03 -2.98 -16.73
CA PRO A 328 -8.60 -1.69 -16.27
C PRO A 328 -7.61 -0.67 -15.70
N GLU A 329 -6.39 -1.08 -15.32
CA GLU A 329 -5.40 -0.12 -14.83
C GLU A 329 -4.14 -0.04 -15.72
N ALA A 330 -4.20 -0.62 -16.93
CA ALA A 330 -3.05 -0.70 -17.81
C ALA A 330 -2.70 0.57 -18.60
N ASP A 331 -3.58 1.58 -18.63
CA ASP A 331 -3.26 2.84 -19.33
C ASP A 331 -2.75 3.93 -18.40
N LYS A 332 -2.60 3.65 -17.09
CA LYS A 332 -2.12 4.65 -16.15
C LYS A 332 -0.67 5.05 -16.35
N VAL A 333 0.10 4.25 -17.09
CA VAL A 333 1.51 4.51 -17.31
C VAL A 333 1.87 4.40 -18.78
N ALA A 334 2.75 5.29 -19.27
CA ALA A 334 3.21 5.20 -20.64
C ALA A 334 4.45 4.33 -20.54
N ALA A 335 4.33 3.03 -20.85
CA ALA A 335 5.45 2.11 -20.72
C ALA A 335 5.38 1.01 -21.73
N ILE A 336 6.53 0.64 -22.26
CA ILE A 336 6.67 -0.42 -23.24
C ILE A 336 7.04 -1.73 -22.50
N GLU A 337 6.20 -2.80 -22.62
CA GLU A 337 6.52 -4.08 -21.97
C GLU A 337 7.92 -4.59 -22.31
N GLY A 338 8.66 -4.95 -21.28
CA GLY A 338 10.03 -5.42 -21.40
C GLY A 338 11.12 -4.37 -21.38
N GLU A 339 10.77 -3.06 -21.38
CA GLU A 339 11.82 -2.03 -21.39
C GLU A 339 12.69 -2.06 -20.12
N PHE A 340 12.15 -2.61 -19.01
CA PHE A 340 12.88 -2.69 -17.73
C PHE A 340 13.47 -4.08 -17.42
N LYS A 341 13.46 -5.00 -18.39
CA LYS A 341 14.00 -6.35 -18.18
C LYS A 341 15.51 -6.28 -17.97
N LEU A 342 15.99 -6.73 -16.82
CA LEU A 342 17.40 -6.72 -16.50
C LEU A 342 18.05 -8.10 -16.68
N ARG A 343 19.36 -8.10 -16.94
CA ARG A 343 20.11 -9.36 -17.02
C ARG A 343 20.27 -9.95 -15.60
N THR A 344 20.50 -11.25 -15.51
CA THR A 344 20.56 -12.04 -14.27
C THR A 344 21.24 -11.33 -13.07
N GLU A 345 22.48 -10.86 -13.23
CA GLU A 345 23.20 -10.25 -12.11
C GLU A 345 22.63 -8.90 -11.70
N GLN A 346 22.26 -8.08 -12.68
CA GLN A 346 21.64 -6.77 -12.39
C GLN A 346 20.26 -6.96 -11.75
N ARG A 347 19.54 -8.04 -12.10
CA ARG A 347 18.23 -8.32 -11.52
C ARG A 347 18.38 -8.74 -10.07
N LYS A 348 19.45 -9.51 -9.74
CA LYS A 348 19.70 -9.92 -8.37
C LYS A 348 20.00 -8.66 -7.52
N THR A 349 20.77 -7.71 -8.06
CA THR A 349 21.06 -6.46 -7.36
C THR A 349 19.75 -5.65 -7.14
N PHE A 350 18.88 -5.59 -8.18
CA PHE A 350 17.59 -4.86 -8.14
C PHE A 350 16.74 -5.45 -7.00
N VAL A 351 16.65 -6.78 -6.94
CA VAL A 351 15.90 -7.45 -5.86
C VAL A 351 16.49 -7.15 -4.47
N GLU A 352 17.81 -7.24 -4.32
CA GLU A 352 18.43 -7.00 -3.01
C GLU A 352 18.32 -5.53 -2.53
N LEU A 353 18.43 -4.54 -3.45
CA LEU A 353 18.25 -3.13 -3.07
C LEU A 353 16.80 -2.90 -2.58
N MET A 354 15.82 -3.66 -3.07
CA MET A 354 14.44 -3.51 -2.60
C MET A 354 14.22 -4.28 -1.30
N LYS A 355 14.58 -5.56 -1.26
CA LYS A 355 14.38 -6.48 -0.13
C LYS A 355 15.21 -6.13 1.11
N ARG A 356 16.52 -6.00 0.95
CA ARG A 356 17.41 -5.68 2.07
C ARG A 356 17.66 -4.17 2.15
N GLY A 357 17.87 -3.52 1.01
CA GLY A 357 18.15 -2.09 1.00
C GLY A 357 16.97 -1.19 1.39
N ASP A 358 15.76 -1.72 1.24
CA ASP A 358 14.50 -1.01 1.52
C ASP A 358 14.29 0.22 0.65
N LEU A 359 14.92 0.26 -0.54
CA LEU A 359 14.78 1.41 -1.42
C LEU A 359 13.52 1.28 -2.22
N PRO A 360 12.94 2.42 -2.65
CA PRO A 360 11.78 2.37 -3.54
C PRO A 360 12.15 1.66 -4.84
N VAL A 361 11.17 1.02 -5.49
CA VAL A 361 11.39 0.33 -6.76
C VAL A 361 12.17 1.19 -7.80
N TRP A 362 11.71 2.42 -8.08
CA TRP A 362 12.35 3.27 -9.10
C TRP A 362 13.82 3.49 -8.80
N LEU A 363 14.17 3.84 -7.54
CA LEU A 363 15.53 4.09 -7.15
C LEU A 363 16.41 2.84 -7.25
N ALA A 364 15.89 1.68 -6.80
CA ALA A 364 16.58 0.39 -6.90
C ALA A 364 16.91 0.06 -8.36
N TYR A 365 15.96 0.35 -9.27
CA TYR A 365 16.17 0.11 -10.67
C TYR A 365 17.29 1.00 -11.24
N GLN A 366 17.30 2.32 -10.91
CA GLN A 366 18.38 3.20 -11.43
C GLN A 366 19.76 2.70 -11.02
N VAL A 367 19.89 2.28 -9.75
CA VAL A 367 21.18 1.79 -9.26
C VAL A 367 21.57 0.46 -9.91
N ALA A 368 20.65 -0.52 -9.96
CA ALA A 368 20.95 -1.84 -10.54
C ALA A 368 21.28 -1.76 -12.04
N SER A 369 20.47 -1.00 -12.83
CA SER A 369 20.64 -0.79 -14.27
C SER A 369 21.93 -0.03 -14.63
N ALA A 370 22.49 0.72 -13.69
CA ALA A 370 23.77 1.41 -13.90
C ALA A 370 25.01 0.48 -13.70
N GLY A 371 24.80 -0.79 -13.39
CA GLY A 371 25.87 -1.74 -13.15
C GLY A 371 26.53 -1.58 -11.80
N ILE A 372 25.82 -1.02 -10.81
CA ILE A 372 26.36 -0.87 -9.47
C ILE A 372 25.99 -2.11 -8.64
N THR A 373 26.92 -2.61 -7.80
CA THR A 373 26.67 -3.76 -6.92
C THR A 373 25.99 -3.27 -5.63
N TYR A 374 25.22 -4.16 -5.00
CA TYR A 374 24.43 -3.82 -3.81
C TYR A 374 25.21 -3.05 -2.71
N THR A 375 26.41 -3.48 -2.36
CA THR A 375 27.18 -2.86 -1.26
C THR A 375 27.98 -1.59 -1.64
N ASP A 376 28.00 -1.25 -2.92
CA ASP A 376 28.71 -0.04 -3.38
C ASP A 376 27.83 1.16 -3.18
N ARG A 377 28.16 2.03 -2.20
CA ARG A 377 27.34 3.20 -1.86
C ARG A 377 27.92 4.54 -2.33
N ARG A 378 28.93 4.53 -3.21
CA ARG A 378 29.51 5.80 -3.70
C ARG A 378 28.47 6.70 -4.39
N TRP A 379 27.43 6.12 -5.03
CA TRP A 379 26.35 6.86 -5.67
C TRP A 379 25.56 7.73 -4.68
N CYS A 380 25.59 7.38 -3.37
CA CYS A 380 24.86 8.19 -2.36
C CYS A 380 25.54 9.55 -2.12
N PHE A 381 26.75 9.79 -2.65
CA PHE A 381 27.47 11.03 -2.39
C PHE A 381 28.02 11.73 -3.61
N ASP A 382 27.80 11.19 -4.82
CA ASP A 382 28.42 11.80 -6.01
C ASP A 382 27.44 12.49 -6.95
N GLY A 383 26.26 12.85 -6.47
CA GLY A 383 25.28 13.54 -7.27
C GLY A 383 25.54 15.04 -7.37
N THR A 384 24.73 15.76 -8.15
CA THR A 384 24.90 17.21 -8.29
C THR A 384 24.50 17.95 -7.00
N THR A 385 24.93 19.21 -6.86
CA THR A 385 24.67 20.04 -5.70
C THR A 385 23.19 20.18 -5.39
N ASN A 386 22.33 20.16 -6.41
CA ASN A 386 20.89 20.29 -6.20
C ASN A 386 20.22 19.01 -5.68
N ASN A 387 20.95 17.87 -5.67
CA ASN A 387 20.46 16.62 -5.11
C ASN A 387 20.80 16.49 -3.60
N THR A 388 21.43 17.54 -2.98
CA THR A 388 21.79 17.56 -1.56
C THR A 388 20.53 17.41 -0.74
N ILE A 389 20.49 16.39 0.11
CA ILE A 389 19.31 16.15 0.93
C ILE A 389 19.38 17.00 2.17
N MET A 390 18.29 17.71 2.50
CA MET A 390 18.26 18.61 3.65
C MET A 390 17.45 18.05 4.82
N GLU A 391 17.98 18.23 6.02
CA GLU A 391 17.31 17.84 7.25
CA GLU A 391 17.37 17.81 7.28
C GLU A 391 17.36 19.04 8.20
N ASP A 392 16.21 19.48 8.70
CA ASP A 392 16.11 20.67 9.56
C ASP A 392 16.75 21.92 8.90
N SER A 393 16.53 22.10 7.58
CA SER A 393 17.07 23.18 6.77
C SER A 393 18.62 23.23 6.69
N VAL A 394 19.30 22.12 7.02
CA VAL A 394 20.77 22.02 6.93
C VAL A 394 21.11 20.72 6.17
N PRO A 395 22.15 20.69 5.30
CA PRO A 395 22.46 19.44 4.56
C PRO A 395 22.67 18.23 5.47
N ALA A 396 22.07 17.07 5.13
CA ALA A 396 22.20 15.83 5.92
C ALA A 396 23.61 15.25 5.76
N GLU A 397 24.18 14.76 6.87
CA GLU A 397 25.54 14.22 6.85
C GLU A 397 25.60 12.80 7.41
N VAL A 398 26.50 11.99 6.88
CA VAL A 398 26.73 10.64 7.38
C VAL A 398 28.22 10.31 7.37
N TRP A 399 28.61 9.36 8.22
CA TRP A 399 29.96 8.84 8.15
C TRP A 399 29.84 7.66 7.21
N THR A 400 30.58 7.71 6.13
CA THR A 400 30.63 6.64 5.17
C THR A 400 31.28 5.40 5.80
N LYS A 401 31.10 4.23 5.16
CA LYS A 401 31.75 3.01 5.60
C LYS A 401 33.30 3.14 5.67
N TYR A 402 33.87 4.18 5.04
CA TYR A 402 35.32 4.45 5.11
C TYR A 402 35.73 5.27 6.35
N GLY A 403 34.77 5.89 7.02
CA GLY A 403 35.05 6.72 8.18
C GLY A 403 35.10 8.20 7.86
N GLU A 404 34.66 8.59 6.67
CA GLU A 404 34.68 9.97 6.22
C GLU A 404 33.29 10.59 6.42
N LYS A 405 33.23 11.85 6.91
CA LYS A 405 31.96 12.56 7.09
C LYS A 405 31.63 13.23 5.77
N ARG A 406 30.51 12.86 5.15
CA ARG A 406 30.11 13.41 3.86
C ARG A 406 28.66 13.82 3.85
N VAL A 407 28.34 14.80 3.00
CA VAL A 407 26.99 15.29 2.77
C VAL A 407 26.27 14.30 1.84
N LEU A 408 25.06 13.90 2.22
CA LEU A 408 24.22 12.98 1.46
C LEU A 408 23.78 13.71 0.18
N LYS A 409 24.25 13.25 -0.98
CA LYS A 409 23.98 13.92 -2.26
C LYS A 409 23.81 12.83 -3.33
N PRO A 410 22.66 12.14 -3.37
CA PRO A 410 22.54 10.97 -4.26
C PRO A 410 22.51 11.27 -5.74
N ARG A 411 23.17 10.41 -6.53
CA ARG A 411 23.21 10.52 -7.99
C ARG A 411 21.80 10.55 -8.59
N TRP A 412 20.87 9.76 -7.99
CA TRP A 412 19.46 9.78 -8.36
C TRP A 412 18.69 10.19 -7.12
N MET A 413 17.84 11.19 -7.25
CA MET A 413 17.09 11.71 -6.13
C MET A 413 15.66 11.21 -6.15
N ASP A 414 15.26 10.45 -5.13
CA ASP A 414 13.89 9.97 -5.00
C ASP A 414 13.37 10.54 -3.68
N ALA A 415 12.41 11.47 -3.74
CA ALA A 415 11.86 12.12 -2.54
C ALA A 415 11.33 11.20 -1.48
N ARG A 416 11.02 9.95 -1.84
CA ARG A 416 10.50 9.03 -0.85
C ARG A 416 11.53 8.61 0.21
N VAL A 417 12.85 8.73 -0.09
CA VAL A 417 13.86 8.37 0.91
C VAL A 417 13.99 9.38 2.04
N CYS A 418 13.28 10.51 1.95
CA CYS A 418 13.31 11.54 2.96
C CYS A 418 11.92 12.17 3.14
N SER A 419 10.83 11.40 2.94
CA SER A 419 9.45 11.92 3.08
C SER A 419 9.08 12.28 4.54
N ASP A 420 9.79 11.68 5.51
CA ASP A 420 9.61 11.94 6.94
C ASP A 420 10.93 11.68 7.69
N HIS A 421 10.98 11.90 9.02
CA HIS A 421 12.20 11.72 9.78
C HIS A 421 12.68 10.27 9.71
N ALA A 422 11.76 9.32 9.89
CA ALA A 422 12.08 7.88 9.86
C ALA A 422 12.61 7.43 8.49
N ALA A 423 12.05 7.95 7.38
CA ALA A 423 12.54 7.58 6.05
C ALA A 423 14.01 8.05 5.86
N LEU A 424 14.32 9.31 6.19
CA LEU A 424 15.67 9.84 6.02
C LEU A 424 16.67 9.13 6.96
N LYS A 425 16.25 8.79 8.18
CA LYS A 425 17.13 8.07 9.12
C LYS A 425 17.50 6.69 8.52
N SER A 426 16.53 6.02 7.90
CA SER A 426 16.76 4.74 7.27
C SER A 426 17.70 4.91 6.06
N PHE A 427 17.52 5.96 5.26
CA PHE A 427 18.37 6.18 4.09
C PHE A 427 19.79 6.54 4.43
N LYS A 428 20.00 7.27 5.53
CA LYS A 428 21.32 7.62 6.03
C LYS A 428 22.07 6.34 6.44
N GLU A 429 21.37 5.39 7.11
CA GLU A 429 21.94 4.10 7.53
C GLU A 429 22.36 3.31 6.27
N PHE A 430 21.53 3.37 5.19
CA PHE A 430 21.87 2.75 3.91
C PHE A 430 23.12 3.38 3.30
N ALA A 431 23.17 4.71 3.20
CA ALA A 431 24.34 5.41 2.63
C ALA A 431 25.63 5.14 3.43
N ALA A 432 25.50 4.89 4.75
CA ALA A 432 26.64 4.58 5.62
C ALA A 432 27.16 3.14 5.49
N GLY A 433 26.46 2.28 4.75
CA GLY A 433 26.82 0.88 4.61
C GLY A 433 26.34 0.03 5.78
N LYS A 434 25.31 0.49 6.52
CA LYS A 434 24.85 -0.23 7.71
C LYS A 434 23.83 -1.34 7.43
N ARG A 435 23.49 -1.57 6.17
CA ARG A 435 22.67 -2.72 5.75
C ARG A 435 22.86 -3.04 4.27
#